data_5KVT
#
_entry.id   5KVT
#
_cell.length_a   75.900
_cell.length_b   75.900
_cell.length_c   111.740
_cell.angle_alpha   90.00
_cell.angle_beta   90.00
_cell.angle_gamma   120.00
#
_symmetry.space_group_name_H-M   'P 64'
#
loop_
_entity.id
_entity.type
_entity.pdbx_description
1 polymer 'High affinity nerve growth factor receptor'
2 non-polymer Entrectinib
3 non-polymer GLYCEROL
4 water water
#
_entity_poly.entity_id   1
_entity_poly.type   'polypeptide(L)'
_entity_poly.pdbx_seq_one_letter_code
;CVHHIKRRDIVLKWELGEGAFGKVFLAECHNLLPEQDKMLVAVKALKEASESARQDFQREAELLTMLQHQHIVRFFGVCT
EGRPLLMVFEYMRHGDLNRFLRSHGPDAKLLAGGEDVAPGPLGLGQLLAVASQVAAGMVYLAGLHFVHRDLATRNCLVGQ
GLVVKIGDFGMSRDIYSTDYYRVGGRTMLPIRWMPPESILYRKFTTESDVWSFGVVLWEIFTYGKQPWYQLSNTEAIDCI
TQGRELERPRACPPEVYAIMRGCWQREPQQRHSIKDVHARLQALAQAHHHHHH
;
_entity_poly.pdbx_strand_id   A
#
# COMPACT_ATOMS: atom_id res chain seq x y z
N CYS A 1 11.32 6.84 -22.47
CA CYS A 1 10.73 7.50 -21.27
C CYS A 1 9.20 7.20 -21.17
N VAL A 2 8.40 8.16 -20.71
CA VAL A 2 6.99 7.95 -20.39
C VAL A 2 6.05 7.74 -21.60
N HIS A 3 5.64 6.50 -21.87
CA HIS A 3 4.63 6.22 -22.91
C HIS A 3 3.42 7.15 -22.77
N HIS A 4 3.06 7.84 -23.86
CA HIS A 4 1.85 8.71 -23.91
C HIS A 4 0.71 7.99 -24.66
N ILE A 5 -0.53 8.38 -24.35
CA ILE A 5 -1.73 7.70 -24.86
C ILE A 5 -2.76 8.76 -25.28
N LYS A 6 -3.51 8.46 -26.33
CA LYS A 6 -4.46 9.41 -26.94
C LYS A 6 -5.83 9.39 -26.26
N ARG A 7 -6.32 10.56 -25.86
CA ARG A 7 -7.58 10.60 -25.11
C ARG A 7 -8.65 9.78 -25.80
N ARG A 8 -8.77 9.90 -27.12
CA ARG A 8 -9.73 9.11 -27.89
C ARG A 8 -9.66 7.60 -27.57
N ASP A 9 -8.46 7.09 -27.23
CA ASP A 9 -8.29 5.65 -26.95
C ASP A 9 -8.67 5.23 -25.53
N ILE A 10 -9.10 6.20 -24.70
CA ILE A 10 -9.50 5.96 -23.31
C ILE A 10 -10.99 6.25 -23.15
N VAL A 11 -11.80 5.21 -22.93
CA VAL A 11 -13.26 5.42 -22.74
C VAL A 11 -13.64 5.14 -21.28
N LEU A 12 -14.13 6.17 -20.60
CA LEU A 12 -14.46 6.01 -19.19
C LEU A 12 -15.83 5.34 -19.02
N LYS A 13 -15.84 4.31 -18.19
CA LYS A 13 -17.04 3.57 -17.87
C LYS A 13 -17.71 4.29 -16.67
N TRP A 14 -17.01 4.30 -15.54
CA TRP A 14 -17.56 4.81 -14.28
C TRP A 14 -16.52 4.94 -13.18
N GLU A 15 -16.85 5.81 -12.23
CA GLU A 15 -15.99 6.10 -11.08
C GLU A 15 -15.88 4.90 -10.15
N LEU A 16 -14.64 4.52 -9.83
CA LEU A 16 -14.38 3.48 -8.87
C LEU A 16 -14.29 4.05 -7.44
N GLY A 17 -13.86 5.30 -7.31
CA GLY A 17 -13.73 5.94 -6.04
C GLY A 17 -12.95 7.21 -6.20
N GLU A 18 -12.81 7.93 -5.09
CA GLU A 18 -12.12 9.22 -5.05
C GLU A 18 -11.03 9.19 -3.98
N GLY A 19 -10.09 10.12 -4.07
CA GLY A 19 -9.04 10.25 -3.08
C GLY A 19 -8.47 11.65 -3.06
N ALA A 20 -7.26 11.76 -2.55
CA ALA A 20 -6.55 13.03 -2.47
C ALA A 20 -6.03 13.41 -3.84
N PHE A 21 -5.45 12.41 -4.50
CA PHE A 21 -5.06 12.45 -5.92
C PHE A 21 -6.15 13.03 -6.84
N GLY A 22 -7.35 12.45 -6.74
CA GLY A 22 -8.49 12.76 -7.58
C GLY A 22 -9.29 11.50 -7.75
N LYS A 23 -10.16 11.45 -8.76
CA LYS A 23 -11.00 10.26 -8.98
C LYS A 23 -10.19 9.16 -9.62
N VAL A 24 -10.60 7.91 -9.43
CA VAL A 24 -10.09 6.77 -10.18
C VAL A 24 -11.29 6.16 -10.86
N PHE A 25 -11.13 5.88 -12.16
CA PHE A 25 -12.21 5.37 -13.02
C PHE A 25 -11.87 4.02 -13.60
N LEU A 26 -12.92 3.20 -13.79
CA LEU A 26 -12.80 2.02 -14.65
C LEU A 26 -12.93 2.53 -16.08
N ALA A 27 -12.12 1.99 -16.96
CA ALA A 27 -12.11 2.47 -18.33
C ALA A 27 -11.70 1.39 -19.31
N GLU A 28 -11.91 1.68 -20.59
CA GLU A 28 -11.53 0.75 -21.66
C GLU A 28 -10.47 1.42 -22.52
N CYS A 29 -9.23 0.94 -22.43
CA CYS A 29 -8.15 1.45 -23.30
C CYS A 29 -8.07 0.66 -24.63
N HIS A 30 -7.46 1.30 -25.63
CA HIS A 30 -7.33 0.69 -26.95
C HIS A 30 -5.91 0.77 -27.47
N ASN A 31 -5.45 -0.32 -28.07
CA ASN A 31 -4.09 -0.40 -28.61
C ASN A 31 -3.01 -0.46 -27.53
N LEU A 32 -2.76 -1.67 -27.03
CA LEU A 32 -1.79 -1.90 -25.98
C LEU A 32 -1.08 -3.23 -26.23
N ASP A 37 -5.37 -3.70 -28.54
CA ASP A 37 -6.69 -4.15 -29.01
C ASP A 37 -7.83 -3.44 -28.21
N LYS A 38 -8.42 -4.13 -27.23
CA LYS A 38 -9.49 -3.58 -26.38
C LYS A 38 -9.26 -4.10 -24.98
N MET A 39 -9.11 -3.20 -24.00
CA MET A 39 -8.62 -3.62 -22.68
C MET A 39 -9.23 -2.86 -21.50
N LEU A 40 -9.31 -3.55 -20.36
CA LEU A 40 -9.85 -2.99 -19.14
C LEU A 40 -8.76 -2.32 -18.26
N VAL A 41 -8.97 -1.04 -17.94
CA VAL A 41 -7.96 -0.30 -17.18
C VAL A 41 -8.47 0.74 -16.15
N ALA A 42 -7.61 0.99 -15.17
CA ALA A 42 -7.87 1.98 -14.15
C ALA A 42 -7.22 3.27 -14.59
N VAL A 43 -7.96 4.35 -14.45
CA VAL A 43 -7.53 5.63 -14.86
C VAL A 43 -7.64 6.58 -13.66
N LYS A 44 -6.51 7.07 -13.18
CA LYS A 44 -6.48 8.09 -12.13
C LYS A 44 -6.43 9.45 -12.76
N ALA A 45 -7.39 10.29 -12.38
CA ALA A 45 -7.50 11.62 -12.91
C ALA A 45 -6.99 12.59 -11.85
N LEU A 46 -6.51 13.74 -12.28
CA LEU A 46 -5.94 14.73 -11.38
C LEU A 46 -7.00 15.75 -11.00
N LYS A 47 -7.15 15.96 -9.69
CA LYS A 47 -8.16 16.86 -9.17
C LYS A 47 -7.83 18.31 -9.54
N GLU A 48 -6.70 18.81 -9.03
CA GLU A 48 -6.28 20.20 -9.29
C GLU A 48 -5.63 20.34 -10.67
N ALA A 49 -4.42 19.81 -10.81
CA ALA A 49 -3.68 19.86 -12.08
C ALA A 49 -3.36 21.29 -12.52
N SER A 50 -2.83 22.08 -11.59
CA SER A 50 -2.50 23.48 -11.86
C SER A 50 -1.01 23.63 -12.15
N GLU A 51 -0.22 23.75 -11.08
CA GLU A 51 1.23 23.95 -11.20
C GLU A 51 2.03 22.93 -10.41
N SER A 52 1.93 23.00 -9.07
CA SER A 52 2.62 22.06 -8.19
C SER A 52 2.21 20.62 -8.50
N ALA A 53 0.91 20.42 -8.70
CA ALA A 53 0.37 19.11 -9.02
C ALA A 53 0.77 18.66 -10.43
N ARG A 54 1.00 19.64 -11.30
CA ARG A 54 1.40 19.36 -12.67
C ARG A 54 2.80 18.77 -12.75
N GLN A 55 3.67 19.13 -11.81
CA GLN A 55 5.05 18.61 -11.79
C GLN A 55 5.28 17.48 -10.77
N ASP A 56 4.37 17.35 -9.81
CA ASP A 56 4.28 16.12 -9.01
C ASP A 56 3.67 14.98 -9.87
N PHE A 57 2.82 15.33 -10.85
CA PHE A 57 2.33 14.38 -11.87
C PHE A 57 3.53 13.87 -12.72
N GLN A 58 4.32 14.80 -13.26
CA GLN A 58 5.58 14.46 -13.96
C GLN A 58 6.37 13.37 -13.22
N ARG A 59 6.67 13.66 -11.95
CA ARG A 59 7.42 12.79 -11.04
C ARG A 59 6.88 11.36 -10.91
N GLU A 60 5.61 11.24 -10.59
CA GLU A 60 5.00 9.94 -10.34
C GLU A 60 5.06 9.10 -11.61
N ALA A 61 4.70 9.71 -12.73
CA ALA A 61 4.67 9.02 -14.00
C ALA A 61 6.05 8.50 -14.35
N GLU A 62 7.06 9.34 -14.16
CA GLU A 62 8.45 8.95 -14.43
C GLU A 62 8.85 7.78 -13.53
N LEU A 63 8.49 7.88 -12.26
CA LEU A 63 8.75 6.81 -11.28
C LEU A 63 8.07 5.49 -11.62
N LEU A 64 6.78 5.56 -11.94
CA LEU A 64 6.01 4.37 -12.26
C LEU A 64 6.49 3.70 -13.53
N THR A 65 6.93 4.53 -14.50
CA THR A 65 7.55 4.02 -15.73
C THR A 65 8.82 3.23 -15.39
N MET A 66 9.57 3.78 -14.45
CA MET A 66 10.85 3.21 -13.99
C MET A 66 10.63 1.81 -13.42
N LEU A 67 9.59 1.63 -12.63
CA LEU A 67 9.44 0.40 -11.83
C LEU A 67 8.69 -0.73 -12.52
N GLN A 68 9.18 -1.95 -12.38
CA GLN A 68 8.67 -3.07 -13.13
C GLN A 68 8.92 -4.37 -12.39
N HIS A 69 7.84 -4.89 -11.81
CA HIS A 69 7.89 -6.08 -10.98
C HIS A 69 6.47 -6.61 -10.96
N GLN A 70 6.30 -7.90 -10.71
CA GLN A 70 4.97 -8.51 -10.63
C GLN A 70 4.15 -8.04 -9.43
N HIS A 71 4.79 -7.38 -8.49
CA HIS A 71 4.11 -6.90 -7.28
C HIS A 71 4.13 -5.39 -7.13
N ILE A 72 4.20 -4.71 -8.27
CA ILE A 72 4.00 -3.29 -8.34
C ILE A 72 2.91 -3.13 -9.39
N VAL A 73 1.84 -2.40 -9.10
CA VAL A 73 0.81 -2.23 -10.08
C VAL A 73 1.48 -1.78 -11.40
N ARG A 74 1.19 -2.48 -12.50
CA ARG A 74 1.72 -2.08 -13.80
C ARG A 74 1.05 -0.79 -14.27
N PHE A 75 1.89 0.07 -14.84
CA PHE A 75 1.53 1.39 -15.33
C PHE A 75 1.66 1.35 -16.86
N PHE A 76 0.74 1.98 -17.58
CA PHE A 76 0.79 1.92 -19.08
C PHE A 76 1.19 3.24 -19.69
N GLY A 77 0.88 4.34 -19.04
CA GLY A 77 1.27 5.65 -19.50
C GLY A 77 0.29 6.70 -19.03
N VAL A 78 0.32 7.84 -19.69
CA VAL A 78 -0.50 8.99 -19.31
C VAL A 78 -1.18 9.61 -20.51
N CYS A 79 -1.94 10.66 -20.25
CA CYS A 79 -2.60 11.39 -21.28
C CYS A 79 -2.64 12.85 -20.85
N THR A 80 -1.88 13.69 -21.58
CA THR A 80 -1.64 15.09 -21.25
C THR A 80 -2.38 16.10 -22.15
N GLU A 81 -3.10 15.61 -23.16
CA GLU A 81 -4.01 16.45 -23.94
C GLU A 81 -5.04 17.06 -23.00
N GLY A 82 -5.29 18.35 -23.14
CA GLY A 82 -6.29 19.05 -22.33
C GLY A 82 -6.24 18.73 -20.84
N ARG A 83 -7.42 18.59 -20.23
CA ARG A 83 -7.54 18.43 -18.79
C ARG A 83 -8.80 17.65 -18.43
N PRO A 84 -8.84 17.05 -17.25
CA PRO A 84 -7.67 16.94 -16.38
C PRO A 84 -6.75 15.82 -16.84
N LEU A 85 -5.57 15.78 -16.24
CA LEU A 85 -4.55 14.83 -16.63
C LEU A 85 -4.89 13.42 -16.14
N LEU A 86 -4.41 12.40 -16.85
CA LEU A 86 -4.71 11.02 -16.54
C LEU A 86 -3.48 10.13 -16.49
N MET A 87 -3.50 9.16 -15.57
CA MET A 87 -2.52 8.10 -15.55
C MET A 87 -3.34 6.84 -15.78
N VAL A 88 -2.78 5.89 -16.51
CA VAL A 88 -3.50 4.69 -16.91
C VAL A 88 -2.76 3.49 -16.34
N PHE A 89 -3.52 2.57 -15.73
CA PHE A 89 -3.00 1.43 -14.98
C PHE A 89 -3.74 0.13 -15.31
N GLU A 90 -3.12 -1.01 -15.02
CA GLU A 90 -3.89 -2.24 -15.02
C GLU A 90 -4.96 -2.13 -13.94
N TYR A 91 -6.00 -2.96 -14.05
CA TYR A 91 -7.16 -2.93 -13.18
C TYR A 91 -7.03 -3.99 -12.11
N MET A 92 -7.14 -3.57 -10.86
CA MET A 92 -7.11 -4.48 -9.74
C MET A 92 -8.53 -4.45 -9.19
N ARG A 93 -9.30 -5.53 -9.39
CA ARG A 93 -10.76 -5.44 -9.15
C ARG A 93 -11.19 -5.37 -7.67
N HIS A 94 -10.39 -5.89 -6.76
CA HIS A 94 -10.75 -5.86 -5.34
C HIS A 94 -10.29 -4.59 -4.54
N GLY A 95 -9.74 -3.60 -5.23
CA GLY A 95 -9.45 -2.27 -4.64
C GLY A 95 -8.29 -2.24 -3.66
N ASP A 96 -8.32 -1.26 -2.75
CA ASP A 96 -7.23 -1.08 -1.77
C ASP A 96 -7.17 -2.18 -0.70
N LEU A 97 -5.96 -2.49 -0.25
CA LEU A 97 -5.79 -3.59 0.65
C LEU A 97 -6.40 -3.34 2.03
N ASN A 98 -6.41 -2.10 2.50
CA ASN A 98 -6.98 -1.83 3.80
C ASN A 98 -8.48 -2.15 3.87
N ARG A 99 -9.26 -1.63 2.94
CA ARG A 99 -10.69 -1.91 2.93
C ARG A 99 -11.00 -3.41 2.76
N PHE A 100 -10.18 -4.07 1.97
CA PHE A 100 -10.32 -5.47 1.68
C PHE A 100 -10.09 -6.27 2.97
N LEU A 101 -9.05 -5.94 3.75
CA LEU A 101 -8.82 -6.64 5.00
C LEU A 101 -10.05 -6.48 5.93
N ARG A 102 -10.54 -5.26 6.05
CA ARG A 102 -11.56 -5.02 7.06
C ARG A 102 -12.91 -5.65 6.69
N SER A 103 -13.20 -5.69 5.40
CA SER A 103 -14.47 -6.19 4.94
C SER A 103 -14.48 -7.71 4.86
N HIS A 104 -13.28 -8.31 4.84
CA HIS A 104 -13.10 -9.74 4.80
C HIS A 104 -12.44 -10.24 6.10
N GLY A 105 -12.67 -9.51 7.19
CA GLY A 105 -12.26 -9.93 8.54
C GLY A 105 -13.37 -10.74 9.21
N PRO A 106 -13.30 -10.92 10.54
CA PRO A 106 -14.29 -11.74 11.27
C PRO A 106 -15.77 -11.28 11.27
N ASP A 107 -16.11 -10.33 10.40
CA ASP A 107 -17.51 -10.10 10.01
C ASP A 107 -17.59 -9.75 8.51
N ALA A 108 -17.18 -10.73 7.70
CA ALA A 108 -17.35 -10.73 6.23
C ALA A 108 -18.62 -11.48 5.87
N LYS A 109 -18.80 -12.63 6.53
CA LYS A 109 -19.97 -13.52 6.39
C LYS A 109 -21.06 -13.21 7.41
N LEU A 110 -20.66 -12.99 8.66
CA LEU A 110 -21.60 -12.65 9.73
C LEU A 110 -22.34 -11.34 9.45
N LEU A 111 -21.98 -10.68 8.34
CA LEU A 111 -22.62 -9.44 7.88
C LEU A 111 -22.55 -9.28 6.34
N ALA A 112 -23.17 -10.22 5.64
CA ALA A 112 -23.22 -10.22 4.17
C ALA A 112 -24.67 -10.06 3.67
N GLY A 113 -24.85 -10.19 2.37
CA GLY A 113 -26.17 -10.07 1.75
C GLY A 113 -26.16 -10.49 0.30
N GLY A 114 -26.70 -9.63 -0.55
CA GLY A 114 -26.78 -9.88 -1.98
C GLY A 114 -25.46 -9.85 -2.72
N GLU A 115 -24.97 -8.64 -3.00
CA GLU A 115 -23.66 -8.46 -3.63
C GLU A 115 -22.51 -9.02 -2.78
N ASP A 116 -22.67 -10.27 -2.30
CA ASP A 116 -21.68 -10.92 -1.45
C ASP A 116 -21.45 -12.34 -1.99
N VAL A 117 -20.41 -12.50 -2.79
CA VAL A 117 -20.02 -13.80 -3.31
C VAL A 117 -18.89 -14.33 -2.42
N ALA A 118 -19.04 -15.58 -1.97
CA ALA A 118 -17.97 -16.28 -1.25
C ALA A 118 -17.39 -15.46 -0.08
N PRO A 119 -18.20 -15.23 0.95
CA PRO A 119 -17.72 -14.57 2.15
C PRO A 119 -16.84 -15.52 2.97
N GLY A 120 -16.71 -15.22 4.26
CA GLY A 120 -15.93 -16.00 5.21
C GLY A 120 -14.69 -15.19 5.50
N PRO A 121 -14.31 -15.04 6.78
CA PRO A 121 -13.07 -14.31 7.04
C PRO A 121 -11.86 -14.95 6.37
N LEU A 122 -10.85 -14.12 6.14
CA LEU A 122 -9.58 -14.55 5.57
C LEU A 122 -8.85 -15.43 6.56
N GLY A 123 -8.36 -16.57 6.06
CA GLY A 123 -7.65 -17.52 6.89
C GLY A 123 -6.18 -17.22 6.97
N LEU A 124 -5.49 -17.94 7.84
CA LEU A 124 -4.06 -17.78 8.03
C LEU A 124 -3.26 -17.82 6.72
N GLY A 125 -3.68 -18.70 5.82
CA GLY A 125 -2.95 -18.92 4.59
C GLY A 125 -3.03 -17.73 3.68
N GLN A 126 -4.24 -17.18 3.57
CA GLN A 126 -4.49 -16.03 2.74
C GLN A 126 -3.75 -14.78 3.23
N LEU A 127 -3.57 -14.67 4.55
CA LEU A 127 -2.99 -13.48 5.17
C LEU A 127 -1.50 -13.48 4.92
N LEU A 128 -0.91 -14.63 5.18
CA LEU A 128 0.48 -14.88 4.81
C LEU A 128 0.75 -14.63 3.30
N ALA A 129 -0.19 -14.99 2.43
CA ALA A 129 0.02 -14.82 1.01
C ALA A 129 -0.01 -13.34 0.64
N VAL A 130 -0.86 -12.59 1.34
CA VAL A 130 -0.90 -11.13 1.19
C VAL A 130 0.40 -10.50 1.69
N ALA A 131 0.87 -10.98 2.84
CA ALA A 131 2.10 -10.52 3.49
C ALA A 131 3.37 -10.74 2.65
N SER A 132 3.52 -11.98 2.15
CA SER A 132 4.61 -12.40 1.28
C SER A 132 4.67 -11.60 -0.02
N GLN A 133 3.51 -11.28 -0.56
CA GLN A 133 3.44 -10.52 -1.77
C GLN A 133 3.84 -9.06 -1.58
N VAL A 134 3.42 -8.46 -0.47
CA VAL A 134 3.82 -7.09 -0.17
C VAL A 134 5.33 -7.11 0.09
N ALA A 135 5.81 -8.10 0.82
CA ALA A 135 7.26 -8.20 1.04
C ALA A 135 8.03 -8.23 -0.29
N ALA A 136 7.58 -9.05 -1.23
CA ALA A 136 8.25 -9.22 -2.55
C ALA A 136 8.36 -7.90 -3.29
N GLY A 137 7.27 -7.17 -3.37
CA GLY A 137 7.35 -5.82 -3.94
C GLY A 137 8.49 -5.01 -3.31
N MET A 138 8.61 -5.08 -1.99
CA MET A 138 9.59 -4.36 -1.20
C MET A 138 11.01 -4.87 -1.39
N VAL A 139 11.19 -6.18 -1.44
CA VAL A 139 12.48 -6.77 -1.82
C VAL A 139 12.99 -6.13 -3.11
N TYR A 140 12.08 -5.96 -4.05
CA TYR A 140 12.40 -5.39 -5.33
C TYR A 140 12.88 -3.97 -5.15
N LEU A 141 12.08 -3.14 -4.48
CA LEU A 141 12.47 -1.73 -4.24
C LEU A 141 13.80 -1.57 -3.47
N ALA A 142 14.03 -2.42 -2.48
CA ALA A 142 15.25 -2.35 -1.74
C ALA A 142 16.39 -2.60 -2.72
N GLY A 143 16.24 -3.60 -3.56
CA GLY A 143 17.23 -3.94 -4.58
C GLY A 143 17.66 -2.78 -5.48
N LEU A 144 16.76 -1.85 -5.75
CA LEU A 144 17.13 -0.67 -6.56
C LEU A 144 17.54 0.51 -5.69
N HIS A 145 17.87 0.23 -4.42
CA HIS A 145 18.11 1.26 -3.38
C HIS A 145 17.03 2.32 -3.42
N PHE A 146 15.80 1.84 -3.55
CA PHE A 146 14.63 2.67 -3.61
C PHE A 146 13.94 2.71 -2.23
N VAL A 147 13.43 3.89 -1.82
CA VAL A 147 12.76 4.08 -0.54
C VAL A 147 11.34 4.55 -0.77
N HIS A 148 10.34 3.78 -0.33
CA HIS A 148 8.94 4.08 -0.59
C HIS A 148 8.49 5.26 0.24
N ARG A 149 8.77 5.19 1.53
CA ARG A 149 8.45 6.26 2.54
C ARG A 149 7.01 6.31 3.05
N ASP A 150 6.09 5.55 2.43
CA ASP A 150 4.66 5.50 2.87
C ASP A 150 4.01 4.14 2.60
N LEU A 151 4.74 3.09 2.90
CA LEU A 151 4.24 1.74 2.88
C LEU A 151 3.17 1.57 3.97
N ALA A 152 1.99 1.14 3.55
CA ALA A 152 0.87 0.86 4.41
C ALA A 152 -0.19 0.15 3.54
N THR A 153 -1.14 -0.55 4.16
CA THR A 153 -2.07 -1.35 3.36
C THR A 153 -2.96 -0.46 2.51
N ARG A 154 -3.17 0.79 2.93
CA ARG A 154 -3.94 1.72 2.10
C ARG A 154 -3.26 2.01 0.74
N ASN A 155 -1.99 1.71 0.61
CA ASN A 155 -1.28 1.98 -0.63
C ASN A 155 -0.93 0.71 -1.36
N CYS A 156 -1.58 -0.38 -0.99
CA CYS A 156 -1.54 -1.62 -1.76
C CYS A 156 -2.88 -1.87 -2.44
N LEU A 157 -2.85 -2.68 -3.51
CA LEU A 157 -4.05 -3.06 -4.21
C LEU A 157 -4.20 -4.55 -4.25
N VAL A 158 -5.44 -4.98 -4.44
CA VAL A 158 -5.77 -6.41 -4.52
C VAL A 158 -6.49 -6.64 -5.84
N GLY A 159 -6.09 -7.69 -6.56
CA GLY A 159 -6.69 -8.05 -7.83
C GLY A 159 -7.28 -9.42 -7.71
N GLN A 160 -7.99 -9.83 -8.75
CA GLN A 160 -8.61 -11.16 -8.81
C GLN A 160 -7.57 -12.22 -8.51
N GLY A 161 -7.89 -13.12 -7.59
CA GLY A 161 -7.00 -14.22 -7.22
C GLY A 161 -6.08 -13.93 -6.05
N LEU A 162 -6.42 -12.93 -5.23
CA LEU A 162 -5.56 -12.53 -4.12
C LEU A 162 -4.20 -12.18 -4.65
N VAL A 163 -4.20 -11.38 -5.69
CA VAL A 163 -2.96 -10.86 -6.24
C VAL A 163 -2.87 -9.49 -5.59
N VAL A 164 -1.76 -9.27 -4.90
CA VAL A 164 -1.57 -8.06 -4.12
C VAL A 164 -0.32 -7.36 -4.62
N LYS A 165 -0.49 -6.08 -4.91
CA LYS A 165 0.57 -5.25 -5.43
C LYS A 165 0.64 -3.92 -4.69
N ILE A 166 1.83 -3.34 -4.70
CA ILE A 166 2.03 -2.00 -4.16
C ILE A 166 1.52 -1.12 -5.26
N GLY A 167 0.65 -0.16 -4.93
CA GLY A 167 0.00 0.65 -5.97
C GLY A 167 0.11 2.15 -5.96
N ASP A 168 0.81 2.69 -4.99
CA ASP A 168 0.89 4.13 -4.82
C ASP A 168 2.16 4.44 -4.05
N PHE A 169 2.68 5.63 -4.27
CA PHE A 169 3.92 6.00 -3.64
C PHE A 169 3.69 7.20 -2.76
N GLY A 170 2.48 7.25 -2.18
CA GLY A 170 2.02 8.37 -1.37
C GLY A 170 2.36 9.73 -1.94
N MET A 171 2.19 9.89 -3.25
CA MET A 171 2.53 11.13 -3.93
C MET A 171 1.49 12.18 -3.56
N SER A 172 0.25 11.71 -3.37
CA SER A 172 -0.85 12.53 -2.87
C SER A 172 -1.30 11.92 -1.53
N ARG A 173 -1.19 12.71 -0.47
CA ARG A 173 -1.47 12.31 0.93
C ARG A 173 -2.70 13.01 1.51
N ASP A 174 -3.68 12.23 1.98
CA ASP A 174 -4.95 12.74 2.53
C ASP A 174 -4.75 13.70 3.71
N ILE A 175 -4.97 14.99 3.45
CA ILE A 175 -4.86 16.05 4.46
C ILE A 175 -5.81 15.81 5.65
N TYR A 176 -6.97 15.23 5.38
CA TYR A 176 -8.01 15.03 6.41
C TYR A 176 -8.02 13.64 7.08
N SER A 177 -7.05 12.77 6.79
CA SER A 177 -7.03 11.41 7.37
C SER A 177 -6.19 11.29 8.67
N THR A 178 -6.71 10.63 9.71
CA THR A 178 -5.90 10.41 10.95
C THR A 178 -4.64 9.60 10.72
N ASP A 179 -4.58 8.88 9.60
CA ASP A 179 -3.37 8.20 9.20
C ASP A 179 -2.19 9.13 8.98
N TYR A 180 -2.43 10.43 8.82
CA TYR A 180 -1.33 11.38 8.59
C TYR A 180 -1.30 12.54 9.61
N TYR A 181 -0.09 12.97 9.94
CA TYR A 181 0.13 14.08 10.85
C TYR A 181 0.84 15.21 10.10
N ARG A 182 0.24 16.40 10.14
CA ARG A 182 0.81 17.59 9.50
C ARG A 182 1.96 18.08 10.37
N VAL A 183 3.17 17.64 10.05
CA VAL A 183 4.40 18.12 10.71
C VAL A 183 4.43 19.66 10.76
N GLY A 184 3.98 20.32 9.69
CA GLY A 184 3.94 21.77 9.64
C GLY A 184 3.86 22.29 8.22
N GLY A 185 2.79 23.04 7.93
CA GLY A 185 2.58 23.63 6.61
C GLY A 185 1.74 22.73 5.73
N ARG A 186 2.41 21.97 4.87
CA ARG A 186 1.75 21.05 3.93
C ARG A 186 2.36 19.65 3.94
N THR A 187 3.41 19.46 4.75
CA THR A 187 4.11 18.18 4.86
C THR A 187 3.35 17.24 5.82
N MET A 188 2.86 16.13 5.28
CA MET A 188 2.09 15.16 6.04
C MET A 188 2.88 13.88 6.23
N LEU A 189 3.06 13.47 7.49
CA LEU A 189 3.81 12.28 7.79
C LEU A 189 2.90 11.15 8.31
N PRO A 190 3.09 9.93 7.78
CA PRO A 190 2.35 8.77 8.26
C PRO A 190 3.04 8.24 9.51
N ILE A 191 2.98 9.01 10.60
CA ILE A 191 3.80 8.74 11.83
C ILE A 191 3.55 7.32 12.47
N ARG A 192 2.33 6.87 12.45
CA ARG A 192 1.98 5.55 12.99
C ARG A 192 2.73 4.40 12.30
N TRP A 193 3.19 4.59 11.07
CA TRP A 193 3.97 3.55 10.34
C TRP A 193 5.48 3.80 10.35
N MET A 194 5.91 4.88 11.00
CA MET A 194 7.31 5.30 10.89
C MET A 194 8.03 4.99 12.19
N PRO A 195 9.34 4.70 12.09
CA PRO A 195 10.17 4.50 13.26
C PRO A 195 10.64 5.86 13.85
N PRO A 196 11.29 5.83 15.04
CA PRO A 196 11.80 6.99 15.75
C PRO A 196 12.66 7.91 14.91
N GLU A 197 13.66 7.37 14.23
CA GLU A 197 14.57 8.21 13.42
C GLU A 197 13.83 9.01 12.32
N SER A 198 12.80 8.41 11.74
CA SER A 198 11.98 9.08 10.71
C SER A 198 11.06 10.14 11.30
N ILE A 199 10.53 9.86 12.50
CA ILE A 199 9.60 10.79 13.15
C ILE A 199 10.33 12.01 13.67
N LEU A 200 11.56 11.81 14.16
CA LEU A 200 12.31 12.85 14.84
C LEU A 200 13.07 13.73 13.90
N TYR A 201 13.75 13.09 12.94
CA TYR A 201 14.64 13.76 12.03
C TYR A 201 14.39 13.49 10.55
N ARG A 202 13.26 12.86 10.20
CA ARG A 202 12.96 12.44 8.80
C ARG A 202 14.08 11.71 8.07
N LYS A 203 14.74 10.80 8.75
CA LYS A 203 15.66 9.88 8.11
C LYS A 203 14.82 8.71 7.52
N PHE A 204 14.64 8.73 6.20
CA PHE A 204 14.03 7.63 5.45
C PHE A 204 15.04 6.78 4.74
N THR A 205 14.97 5.48 4.95
CA THR A 205 15.94 4.56 4.38
C THR A 205 15.23 3.24 4.05
N THR A 206 15.95 2.29 3.47
CA THR A 206 15.40 0.94 3.31
C THR A 206 15.07 0.32 4.68
N GLU A 207 15.84 0.67 5.71
CA GLU A 207 15.57 0.24 7.10
C GLU A 207 14.36 0.89 7.76
N SER A 208 13.97 2.10 7.37
CA SER A 208 12.68 2.64 7.81
C SER A 208 11.48 2.03 7.05
N ASP A 209 11.72 1.51 5.85
CA ASP A 209 10.70 0.78 5.07
C ASP A 209 10.42 -0.60 5.71
N VAL A 210 11.45 -1.24 6.22
CA VAL A 210 11.29 -2.52 6.86
C VAL A 210 10.44 -2.34 8.12
N TRP A 211 10.65 -1.24 8.86
CA TRP A 211 9.86 -0.93 10.03
C TRP A 211 8.39 -0.84 9.63
N SER A 212 8.12 -0.05 8.59
CA SER A 212 6.77 0.10 8.06
C SER A 212 6.15 -1.21 7.56
N PHE A 213 7.01 -2.13 7.13
CA PHE A 213 6.52 -3.40 6.70
C PHE A 213 6.01 -4.19 7.93
N GLY A 214 6.82 -4.21 8.98
CA GLY A 214 6.42 -4.66 10.31
C GLY A 214 5.03 -4.19 10.66
N VAL A 215 4.78 -2.90 10.46
CA VAL A 215 3.47 -2.34 10.80
C VAL A 215 2.43 -2.82 9.80
N VAL A 216 2.82 -3.00 8.53
CA VAL A 216 1.89 -3.59 7.54
C VAL A 216 1.48 -5.00 7.99
N LEU A 217 2.45 -5.81 8.41
CA LEU A 217 2.10 -7.11 9.00
C LEU A 217 1.04 -6.99 10.06
N TRP A 218 1.20 -6.00 10.94
CA TRP A 218 0.27 -5.79 12.04
C TRP A 218 -1.11 -5.45 11.51
N GLU A 219 -1.18 -4.56 10.52
CA GLU A 219 -2.49 -4.24 9.86
C GLU A 219 -3.16 -5.48 9.23
N ILE A 220 -2.35 -6.31 8.62
CA ILE A 220 -2.80 -7.53 7.96
C ILE A 220 -3.42 -8.49 8.98
N PHE A 221 -2.70 -8.78 10.06
CA PHE A 221 -3.20 -9.70 11.07
C PHE A 221 -4.19 -9.10 12.11
N THR A 222 -4.47 -7.80 12.06
CA THR A 222 -5.59 -7.25 12.82
C THR A 222 -6.73 -7.00 11.86
N TYR A 223 -6.63 -7.49 10.64
CA TYR A 223 -7.72 -7.26 9.67
C TYR A 223 -7.96 -5.77 9.40
N GLY A 224 -6.89 -4.99 9.39
CA GLY A 224 -6.96 -3.67 8.87
C GLY A 224 -7.09 -2.57 9.88
N LYS A 225 -6.81 -2.84 11.15
CA LYS A 225 -6.95 -1.77 12.14
C LYS A 225 -5.81 -0.77 12.03
N GLN A 226 -6.11 0.46 12.38
CA GLN A 226 -5.09 1.46 12.39
C GLN A 226 -4.10 1.19 13.51
N PRO A 227 -2.78 1.19 13.21
CA PRO A 227 -1.88 1.05 14.34
C PRO A 227 -2.11 2.20 15.29
N TRP A 228 -2.13 1.89 16.59
CA TRP A 228 -2.32 2.85 17.69
C TRP A 228 -3.62 3.61 17.60
N TYR A 229 -4.67 2.98 17.11
CA TYR A 229 -5.99 3.61 16.99
C TYR A 229 -6.52 4.28 18.26
N GLN A 230 -5.99 3.86 19.41
CA GLN A 230 -6.40 4.38 20.73
C GLN A 230 -5.85 5.78 20.96
N LEU A 231 -4.71 6.04 20.35
CA LEU A 231 -3.98 7.24 20.49
C LEU A 231 -4.25 8.22 19.35
N SER A 232 -4.06 9.50 19.64
CA SER A 232 -4.04 10.53 18.65
C SER A 232 -2.61 10.47 18.16
N ASN A 233 -2.31 11.24 17.14
CA ASN A 233 -0.97 11.21 16.56
C ASN A 233 0.14 11.71 17.47
N THR A 234 -0.14 12.73 18.30
CA THR A 234 0.92 13.25 19.20
C THR A 234 1.22 12.23 20.30
N GLU A 235 0.18 11.57 20.79
CA GLU A 235 0.38 10.49 21.75
C GLU A 235 1.19 9.39 21.07
N ALA A 236 0.76 8.98 19.86
CA ALA A 236 1.50 7.95 19.11
C ALA A 236 2.95 8.32 18.85
N ILE A 237 3.24 9.58 18.58
CA ILE A 237 4.65 10.00 18.45
C ILE A 237 5.45 9.74 19.72
N ASP A 238 4.80 10.00 20.86
CA ASP A 238 5.44 9.80 22.16
C ASP A 238 5.69 8.30 22.44
N CYS A 239 4.69 7.44 22.30
CA CYS A 239 4.92 5.99 22.39
C CYS A 239 6.02 5.48 21.47
N ILE A 240 5.85 5.70 20.18
CA ILE A 240 6.81 5.15 19.24
C ILE A 240 8.19 5.64 19.63
N THR A 241 8.26 6.91 19.97
CA THR A 241 9.58 7.47 20.24
C THR A 241 10.16 6.96 21.57
N GLN A 242 9.28 6.69 22.54
CA GLN A 242 9.66 6.09 23.83
C GLN A 242 9.96 4.58 23.78
N GLY A 243 9.72 3.92 22.64
CA GLY A 243 10.09 2.51 22.45
C GLY A 243 8.96 1.50 22.63
N ARG A 244 7.73 1.98 22.76
CA ARG A 244 6.58 1.13 22.90
C ARG A 244 6.29 0.30 21.65
N GLU A 245 5.77 -0.89 21.88
CA GLU A 245 5.62 -1.92 20.88
C GLU A 245 4.14 -2.22 20.72
N LEU A 246 3.65 -2.32 19.49
CA LEU A 246 2.28 -2.75 19.25
C LEU A 246 2.09 -4.19 19.79
N GLU A 247 0.86 -4.52 20.19
CA GLU A 247 0.55 -5.83 20.78
C GLU A 247 0.45 -6.86 19.69
N ARG A 248 0.73 -8.11 20.02
CA ARG A 248 0.54 -9.23 19.10
C ARG A 248 -0.92 -9.32 18.80
N PRO A 249 -1.27 -9.29 17.50
CA PRO A 249 -2.70 -9.36 17.25
C PRO A 249 -3.26 -10.72 17.62
N ARG A 250 -4.53 -10.72 18.00
CA ARG A 250 -5.29 -11.95 18.27
C ARG A 250 -5.05 -13.03 17.22
N ALA A 251 -5.21 -12.67 15.94
CA ALA A 251 -5.07 -13.64 14.80
C ALA A 251 -3.63 -13.94 14.40
N CYS A 252 -2.67 -13.33 15.10
CA CYS A 252 -1.29 -13.40 14.69
C CYS A 252 -0.57 -14.53 15.41
N PRO A 253 -0.05 -15.54 14.65
CA PRO A 253 0.77 -16.56 15.30
C PRO A 253 2.00 -15.93 15.92
N PRO A 254 2.53 -16.53 17.00
CA PRO A 254 3.78 -16.08 17.64
C PRO A 254 4.96 -15.87 16.67
N GLU A 255 5.06 -16.72 15.66
CA GLU A 255 6.19 -16.64 14.71
C GLU A 255 6.05 -15.45 13.80
N VAL A 256 4.82 -15.05 13.48
CA VAL A 256 4.63 -13.87 12.66
C VAL A 256 4.93 -12.63 13.48
N TYR A 257 4.67 -12.72 14.78
CA TYR A 257 4.91 -11.62 15.69
C TYR A 257 6.39 -11.39 15.89
N ALA A 258 7.15 -12.48 15.87
CA ALA A 258 8.60 -12.40 16.01
C ALA A 258 9.21 -11.72 14.75
N ILE A 259 8.56 -11.89 13.61
CA ILE A 259 9.01 -11.18 12.42
C ILE A 259 8.75 -9.67 12.56
N MET A 260 7.54 -9.30 12.98
CA MET A 260 7.23 -7.91 13.23
C MET A 260 8.31 -7.30 14.12
N ARG A 261 8.66 -7.99 15.20
CA ARG A 261 9.65 -7.50 16.15
C ARG A 261 11.03 -7.36 15.55
N GLY A 262 11.36 -8.22 14.60
CA GLY A 262 12.63 -8.07 13.85
C GLY A 262 12.62 -6.82 12.96
N CYS A 263 11.46 -6.42 12.47
CA CYS A 263 11.31 -5.20 11.70
C CYS A 263 11.33 -3.95 12.56
N TRP A 264 11.18 -4.14 13.88
CA TRP A 264 11.06 -3.06 14.84
C TRP A 264 12.23 -2.89 15.81
N GLN A 265 13.40 -3.47 15.54
CA GLN A 265 14.57 -3.18 16.34
C GLN A 265 14.73 -1.67 16.32
N ARG A 266 15.24 -1.09 17.41
CA ARG A 266 15.39 0.35 17.52
C ARG A 266 16.49 0.89 16.60
N GLU A 267 17.67 0.28 16.57
CA GLU A 267 18.78 0.70 15.68
C GLU A 267 18.46 0.20 14.30
N PRO A 268 18.41 1.10 13.29
CA PRO A 268 18.06 0.71 11.91
C PRO A 268 18.83 -0.45 11.32
N GLN A 269 20.15 -0.44 11.45
CA GLN A 269 21.01 -1.50 10.94
C GLN A 269 20.87 -2.84 11.65
N GLN A 270 20.00 -2.91 12.65
CA GLN A 270 19.72 -4.14 13.38
C GLN A 270 18.41 -4.73 12.93
N ARG A 271 17.61 -3.98 12.18
CA ARG A 271 16.35 -4.53 11.69
C ARG A 271 16.62 -5.66 10.71
N HIS A 272 15.73 -6.63 10.68
CA HIS A 272 15.86 -7.72 9.70
C HIS A 272 15.88 -7.11 8.33
N SER A 273 16.62 -7.71 7.41
CA SER A 273 16.51 -7.29 5.98
C SER A 273 15.22 -7.78 5.37
N ILE A 274 14.69 -6.98 4.46
CA ILE A 274 13.46 -7.30 3.77
C ILE A 274 13.53 -8.65 3.01
N LYS A 275 14.68 -8.94 2.42
CA LYS A 275 14.93 -10.20 1.74
C LYS A 275 14.71 -11.41 2.70
N ASP A 276 15.24 -11.32 3.90
CA ASP A 276 15.12 -12.40 4.91
C ASP A 276 13.71 -12.48 5.43
N VAL A 277 13.10 -11.31 5.58
CA VAL A 277 11.71 -11.24 5.99
C VAL A 277 10.84 -11.95 4.98
N HIS A 278 11.02 -11.58 3.71
CA HIS A 278 10.32 -12.20 2.58
C HIS A 278 10.45 -13.72 2.58
N ALA A 279 11.68 -14.20 2.63
CA ALA A 279 11.94 -15.65 2.67
C ALA A 279 11.23 -16.37 3.81
N ARG A 280 11.32 -15.81 5.02
CA ARG A 280 10.73 -16.39 6.24
C ARG A 280 9.18 -16.43 6.14
N LEU A 281 8.58 -15.40 5.56
CA LEU A 281 7.13 -15.38 5.30
C LEU A 281 6.73 -16.44 4.28
N GLN A 282 7.56 -16.60 3.25
CA GLN A 282 7.31 -17.55 2.17
C GLN A 282 7.38 -18.98 2.72
N ALA A 283 8.42 -19.28 3.48
CA ALA A 283 8.52 -20.53 4.22
C ALA A 283 7.24 -20.81 5.02
N LEU A 284 6.80 -19.81 5.79
CA LEU A 284 5.55 -19.96 6.58
C LEU A 284 4.30 -20.13 5.71
N ALA A 285 4.26 -19.47 4.57
CA ALA A 285 3.11 -19.61 3.68
C ALA A 285 3.20 -20.97 3.01
N GLN A 286 4.41 -21.48 2.82
CA GLN A 286 4.64 -22.85 2.31
C GLN A 286 4.08 -23.87 3.32
N ALA A 287 4.69 -23.89 4.51
CA ALA A 287 4.36 -24.83 5.59
C ALA A 287 2.86 -24.91 6.02
N HIS A 288 2.09 -23.86 5.69
CA HIS A 288 0.63 -23.81 5.95
CA HIS A 288 0.64 -23.83 5.95
C HIS A 288 -0.21 -24.12 4.69
N HIS A 289 0.41 -24.20 3.51
CA HIS A 289 -0.29 -24.49 2.25
C HIS A 289 -1.29 -25.64 2.34
N HIS A 290 -0.93 -26.68 3.10
CA HIS A 290 -1.73 -27.86 3.15
C HIS A 290 -2.51 -28.11 4.46
N HIS A 291 -2.67 -27.09 5.31
CA HIS A 291 -3.48 -27.22 6.56
C HIS A 291 -4.89 -26.61 6.46
#